data_1ZH6
#
_entry.id   1ZH6
#
_cell.length_a   103.362
_cell.length_b   103.362
_cell.length_c   70.837
_cell.angle_alpha   90.00
_cell.angle_beta   90.00
_cell.angle_gamma   90.00
#
_symmetry.space_group_name_H-M   'P 43 21 2'
#
loop_
_entity.id
_entity.type
_entity.pdbx_description
1 polymer 'Tyrosyl-tRNA synthetase'
2 non-polymer 4-ACETYL-L-PHENYLALANINE
3 non-polymer BETA-MERCAPTOETHANOL
4 water water
#
_entity_poly.entity_id   1
_entity_poly.type   'polypeptide(L)'
_entity_poly.pdbx_seq_one_letter_code
;MDEFEMIKRNTSEIISEEELREVLKKDEKSALIGFEPSGKIHLGHYLQIKKMIDLQNAGFDIIILLADLHAYLNQKGELD
EIRKIGDYNKKVFEAMGLKAKYVYGSEFQLDKDYTLNVYRLALKTTLKRARRSMELIAREDENPKVAEVIYPIMQVNGCH
YRGVDVAVGGMEQRKIHMLARELLPKKVVCIHNPVLTGLDGEGKMSSSKGNFIAVDDSPEEIRAKIKKAYCPAGVVEGNP
IMEIAKYFLEYPLTIKRPEKFGGDLTVNSYEELESLFKNKELHPMDLKNAVAEELIKILEPIRKRLLEHHHHHH
;
_entity_poly.pdbx_strand_id   A
#
# COMPACT_ATOMS: atom_id res chain seq x y z
N MET A 1 -1.22 4.00 21.18
CA MET A 1 -2.27 4.87 20.57
C MET A 1 -1.77 6.31 20.41
N ASP A 2 -0.79 6.71 21.24
CA ASP A 2 0.03 7.90 20.94
C ASP A 2 0.10 8.06 19.41
N GLU A 3 -0.37 9.20 18.92
CA GLU A 3 -0.47 9.47 17.48
C GLU A 3 0.78 9.01 16.72
N PHE A 4 1.94 9.50 17.14
CA PHE A 4 3.17 9.13 16.48
C PHE A 4 3.26 7.62 16.36
N GLU A 5 3.06 6.93 17.47
CA GLU A 5 3.18 5.47 17.48
C GLU A 5 2.10 4.77 16.64
N MET A 6 0.88 5.28 16.64
CA MET A 6 -0.19 4.67 15.81
C MET A 6 0.08 4.86 14.31
N ILE A 7 0.71 5.99 13.99
CA ILE A 7 1.13 6.26 12.64
C ILE A 7 2.27 5.34 12.25
N LYS A 8 3.20 5.17 13.17
CA LYS A 8 4.36 4.34 12.92
C LYS A 8 4.02 2.86 12.85
N ARG A 9 2.94 2.46 13.49
CA ARG A 9 2.63 1.06 13.63
C ARG A 9 2.48 0.46 12.25
N ASN A 10 3.27 -0.58 11.96
CA ASN A 10 3.20 -1.35 10.72
C ASN A 10 3.72 -0.61 9.48
N THR A 11 4.53 0.41 9.71
CA THR A 11 5.26 1.03 8.63
C THR A 11 6.60 0.36 8.61
N SER A 12 7.24 0.39 7.45
CA SER A 12 8.59 -0.10 7.32
C SER A 12 9.54 0.97 7.78
N GLU A 13 9.18 2.23 7.55
CA GLU A 13 10.18 3.27 7.69
C GLU A 13 9.56 4.63 7.55
N ILE A 14 10.23 5.60 8.15
CA ILE A 14 9.78 6.98 8.21
C ILE A 14 11.00 7.90 8.17
N ILE A 15 11.09 8.61 7.06
CA ILE A 15 12.19 9.49 6.78
C ILE A 15 11.66 10.90 6.89
N SER A 16 11.85 11.60 8.01
CA SER A 16 12.48 11.09 9.23
C SER A 16 11.49 11.18 10.39
N GLU A 17 11.66 10.34 11.39
CA GLU A 17 10.82 10.43 12.58
C GLU A 17 10.86 11.81 13.24
N GLU A 18 12.04 12.44 13.26
CA GLU A 18 12.16 13.81 13.76
C GLU A 18 11.16 14.72 13.04
N GLU A 19 11.41 14.98 11.76
CA GLU A 19 10.51 15.79 10.96
C GLU A 19 9.03 15.49 11.22
N LEU A 20 8.69 14.20 11.28
CA LEU A 20 7.33 13.77 11.58
C LEU A 20 6.83 14.39 12.87
N ARG A 21 7.67 14.41 13.90
CA ARG A 21 7.29 15.00 15.19
C ARG A 21 6.95 16.47 14.97
N GLU A 22 7.84 17.18 14.26
CA GLU A 22 7.65 18.59 13.88
C GLU A 22 6.27 18.83 13.19
N VAL A 23 5.85 17.89 12.34
CA VAL A 23 4.57 17.96 11.60
C VAL A 23 3.33 17.72 12.45
N LEU A 24 3.42 16.81 13.41
CA LEU A 24 2.31 16.48 14.29
C LEU A 24 1.91 17.67 15.14
N LYS A 25 2.88 18.54 15.41
CA LYS A 25 2.70 19.70 16.24
C LYS A 25 1.87 20.79 15.56
N LYS A 26 1.84 20.76 14.22
CA LYS A 26 1.14 21.76 13.42
C LYS A 26 -0.37 21.55 13.48
N ASP A 27 -1.13 22.64 13.33
CA ASP A 27 -2.60 22.58 13.28
C ASP A 27 -3.08 21.96 11.97
N GLU A 28 -2.53 22.45 10.87
CA GLU A 28 -2.83 21.93 9.55
C GLU A 28 -1.67 21.10 9.06
N LYS A 29 -1.98 19.84 8.79
CA LYS A 29 -1.03 18.85 8.32
C LYS A 29 -1.75 18.17 7.18
N SER A 30 -1.03 17.78 6.15
CA SER A 30 -1.67 17.02 5.10
C SER A 30 -0.73 15.97 4.54
N ALA A 31 -1.32 14.92 4.01
CA ALA A 31 -0.56 13.78 3.57
C ALA A 31 -1.07 13.33 2.24
N LEU A 32 -0.15 12.76 1.46
CA LEU A 32 -0.45 12.42 0.09
C LEU A 32 -0.03 10.98 -0.18
N ILE A 33 -0.84 10.27 -0.92
CA ILE A 33 -0.43 8.99 -1.49
C ILE A 33 -0.95 8.99 -2.89
N GLY A 34 -0.24 8.27 -3.77
CA GLY A 34 -0.61 8.13 -5.17
C GLY A 34 -0.65 6.67 -5.59
N PHE A 35 -1.60 6.36 -6.46
CA PHE A 35 -1.82 5.03 -6.98
C PHE A 35 -2.08 5.07 -8.47
N GLU A 36 -1.38 4.25 -9.24
CA GLU A 36 -1.81 3.92 -10.60
C GLU A 36 -3.12 3.15 -10.44
N PRO A 37 -4.23 3.65 -11.03
CA PRO A 37 -5.47 2.98 -10.92
C PRO A 37 -5.31 1.51 -11.24
N SER A 38 -6.04 0.69 -10.50
CA SER A 38 -5.90 -0.75 -10.55
C SER A 38 -7.29 -1.32 -10.78
N GLY A 39 -7.39 -2.29 -11.67
CA GLY A 39 -8.68 -2.87 -12.02
C GLY A 39 -9.31 -3.54 -10.82
N LYS A 40 -8.45 -4.15 -10.01
CA LYS A 40 -8.83 -4.74 -8.76
C LYS A 40 -8.09 -4.03 -7.61
N ILE A 41 -8.80 -3.78 -6.53
CA ILE A 41 -8.22 -3.19 -5.32
C ILE A 41 -8.04 -4.28 -4.28
N HIS A 42 -6.81 -4.45 -3.78
CA HIS A 42 -6.47 -5.60 -2.95
C HIS A 42 -5.84 -5.17 -1.64
N LEU A 43 -5.57 -6.16 -0.79
CA LEU A 43 -5.01 -5.91 0.53
C LEU A 43 -3.80 -4.99 0.57
N GLY A 44 -2.95 -5.06 -0.46
CA GLY A 44 -1.86 -4.10 -0.64
C GLY A 44 -2.34 -2.66 -0.63
N HIS A 45 -3.40 -2.38 -1.38
CA HIS A 45 -3.99 -1.04 -1.38
C HIS A 45 -4.53 -0.73 0.02
N TYR A 46 -5.17 -1.72 0.61
CA TYR A 46 -5.87 -1.53 1.86
C TYR A 46 -4.91 -1.22 2.99
N LEU A 47 -3.77 -1.91 2.99
CA LEU A 47 -2.75 -1.65 3.99
C LEU A 47 -2.42 -0.16 3.98
N GLN A 48 -2.16 0.36 2.78
CA GLN A 48 -1.75 1.74 2.64
C GLN A 48 -2.89 2.71 2.95
N ILE A 49 -4.10 2.33 2.57
CA ILE A 49 -5.25 3.17 2.85
C ILE A 49 -5.52 3.18 4.33
N LYS A 50 -5.39 2.02 4.95
CA LYS A 50 -5.42 1.96 6.41
C LYS A 50 -4.48 2.98 7.02
N LYS A 51 -3.28 3.08 6.50
CA LYS A 51 -2.32 4.03 7.05
C LYS A 51 -2.75 5.47 6.82
N MET A 52 -3.38 5.75 5.69
CA MET A 52 -3.88 7.10 5.47
C MET A 52 -4.98 7.40 6.48
N ILE A 53 -5.80 6.41 6.83
CA ILE A 53 -6.84 6.60 7.80
C ILE A 53 -6.25 6.90 9.19
N ASP A 54 -5.21 6.17 9.60
CA ASP A 54 -4.47 6.54 10.81
C ASP A 54 -4.14 8.02 10.78
N LEU A 55 -3.48 8.46 9.72
CA LEU A 55 -3.14 9.87 9.52
C LEU A 55 -4.33 10.84 9.57
N GLN A 56 -5.41 10.47 8.90
CA GLN A 56 -6.65 11.22 8.91
C GLN A 56 -7.12 11.33 10.32
N ASN A 57 -7.01 10.23 11.07
CA ASN A 57 -7.35 10.19 12.50
C ASN A 57 -6.41 11.02 13.34
N ALA A 58 -5.20 11.26 12.84
CA ALA A 58 -4.26 12.14 13.53
C ALA A 58 -4.38 13.60 13.05
N GLY A 59 -5.45 13.92 12.34
CA GLY A 59 -5.74 15.32 12.01
C GLY A 59 -5.08 15.80 10.74
N PHE A 60 -4.61 14.85 9.92
CA PHE A 60 -4.06 15.18 8.62
C PHE A 60 -5.22 15.29 7.64
N ASP A 61 -5.16 16.26 6.73
CA ASP A 61 -6.04 16.28 5.59
C ASP A 61 -5.39 15.32 4.61
N ILE A 62 -6.18 14.47 3.97
CA ILE A 62 -5.60 13.44 3.13
C ILE A 62 -5.90 13.72 1.69
N ILE A 63 -4.89 13.54 0.86
CA ILE A 63 -5.04 13.69 -0.57
C ILE A 63 -4.73 12.36 -1.24
N ILE A 64 -5.55 12.00 -2.22
CA ILE A 64 -5.34 10.76 -2.97
C ILE A 64 -5.08 11.14 -4.39
N LEU A 65 -3.89 10.81 -4.86
CA LEU A 65 -3.52 11.08 -6.22
C LEU A 65 -3.76 9.83 -7.03
N LEU A 66 -4.81 9.90 -7.85
CA LEU A 66 -5.14 8.87 -8.79
C LEU A 66 -4.24 9.11 -9.98
N ALA A 67 -3.18 8.33 -10.05
CA ALA A 67 -2.03 8.66 -10.88
C ALA A 67 -2.27 8.16 -12.32
N ASP A 68 -3.08 8.91 -13.06
CA ASP A 68 -3.52 8.41 -14.35
C ASP A 68 -2.39 8.48 -15.38
N LEU A 69 -1.63 9.57 -15.43
CA LEU A 69 -0.59 9.61 -16.46
C LEU A 69 0.58 8.75 -16.07
N HIS A 70 0.77 8.50 -14.77
CA HIS A 70 1.78 7.53 -14.39
C HIS A 70 1.39 6.19 -14.96
N ALA A 71 0.11 5.83 -14.81
CA ALA A 71 -0.37 4.58 -15.38
C ALA A 71 -0.22 4.57 -16.89
N TYR A 72 -0.47 5.71 -17.51
CA TYR A 72 -0.36 5.82 -18.95
C TYR A 72 1.08 5.62 -19.32
N LEU A 73 1.98 6.31 -18.62
CA LEU A 73 3.41 6.18 -18.91
C LEU A 73 3.90 4.77 -18.67
N ASN A 74 3.28 4.07 -17.73
CA ASN A 74 3.59 2.70 -17.42
C ASN A 74 2.67 1.73 -18.14
N GLN A 75 2.18 2.13 -19.32
CA GLN A 75 1.59 1.19 -20.27
C GLN A 75 0.40 0.44 -19.73
N LYS A 76 -0.41 1.11 -18.92
CA LYS A 76 -1.62 0.48 -18.40
C LYS A 76 -2.79 0.70 -19.34
N GLY A 77 -2.60 1.52 -20.36
CA GLY A 77 -3.66 1.75 -21.36
C GLY A 77 -3.89 3.21 -21.73
N GLU A 78 -5.08 3.49 -22.25
CA GLU A 78 -5.48 4.83 -22.68
C GLU A 78 -5.99 5.63 -21.49
N LEU A 79 -5.65 6.92 -21.47
CA LEU A 79 -6.06 7.79 -20.36
C LEU A 79 -7.51 7.68 -19.96
N ASP A 80 -8.42 7.90 -20.92
CA ASP A 80 -9.85 7.85 -20.70
C ASP A 80 -10.29 6.69 -19.81
N GLU A 81 -9.73 5.53 -20.12
CA GLU A 81 -10.12 4.28 -19.52
C GLU A 81 -9.44 4.10 -18.17
N ILE A 82 -8.22 4.61 -18.07
CA ILE A 82 -7.47 4.61 -16.83
C ILE A 82 -8.22 5.47 -15.79
N ARG A 83 -8.83 6.54 -16.26
CA ARG A 83 -9.58 7.47 -15.42
C ARG A 83 -10.83 6.85 -14.81
N LYS A 84 -11.53 6.03 -15.60
CA LYS A 84 -12.75 5.41 -15.13
C LYS A 84 -12.43 4.33 -14.12
N ILE A 85 -11.28 3.67 -14.29
CA ILE A 85 -10.79 2.70 -13.30
C ILE A 85 -10.42 3.48 -12.05
N GLY A 86 -9.79 4.63 -12.24
CA GLY A 86 -9.46 5.53 -11.14
C GLY A 86 -10.70 5.93 -10.34
N ASP A 87 -11.77 6.30 -11.04
CA ASP A 87 -13.01 6.68 -10.37
C ASP A 87 -13.61 5.50 -9.59
N TYR A 88 -13.49 4.29 -10.12
CA TYR A 88 -13.85 3.10 -9.38
C TYR A 88 -13.00 2.92 -8.12
N ASN A 89 -11.70 3.14 -8.23
CA ASN A 89 -10.82 3.04 -7.07
C ASN A 89 -11.22 4.03 -5.96
N LYS A 90 -11.71 5.20 -6.35
CA LYS A 90 -12.21 6.23 -5.42
C LYS A 90 -13.32 5.65 -4.59
N LYS A 91 -14.33 5.08 -5.27
CA LYS A 91 -15.45 4.39 -4.58
C LYS A 91 -14.96 3.41 -3.52
N VAL A 92 -13.95 2.62 -3.87
CA VAL A 92 -13.48 1.56 -2.99
C VAL A 92 -12.83 2.19 -1.76
N PHE A 93 -11.94 3.14 -2.01
CA PHE A 93 -11.32 3.91 -0.94
C PHE A 93 -12.35 4.61 -0.05
N GLU A 94 -13.41 5.16 -0.63
CA GLU A 94 -14.52 5.66 0.15
C GLU A 94 -15.24 4.56 0.93
N ALA A 95 -15.35 3.38 0.33
CA ALA A 95 -15.97 2.25 1.00
C ALA A 95 -15.13 1.79 2.17
N MET A 96 -13.83 1.97 2.08
CA MET A 96 -12.92 1.57 3.15
C MET A 96 -12.93 2.52 4.34
N GLY A 97 -13.66 3.62 4.23
CA GLY A 97 -13.79 4.59 5.31
C GLY A 97 -12.77 5.71 5.24
N LEU A 98 -12.27 6.02 4.05
CA LEU A 98 -11.38 7.16 3.92
C LEU A 98 -12.17 8.43 3.72
N LYS A 99 -11.64 9.52 4.28
CA LYS A 99 -12.22 10.86 4.15
C LYS A 99 -11.09 11.64 3.54
N ALA A 100 -11.15 11.80 2.23
CA ALA A 100 -10.04 12.32 1.45
C ALA A 100 -10.54 13.15 0.31
N LYS A 101 -9.63 13.96 -0.24
CA LYS A 101 -9.88 14.71 -1.43
C LYS A 101 -9.12 13.96 -2.47
N TYR A 102 -9.74 13.79 -3.64
CA TYR A 102 -9.19 12.95 -4.71
C TYR A 102 -8.85 13.77 -5.91
N VAL A 103 -7.66 13.51 -6.47
CA VAL A 103 -7.11 14.28 -7.57
C VAL A 103 -6.54 13.34 -8.64
N TYR A 104 -6.83 13.62 -9.90
CA TYR A 104 -6.18 12.91 -10.99
C TYR A 104 -4.89 13.63 -11.36
N GLY A 105 -3.81 12.89 -11.52
CA GLY A 105 -2.53 13.49 -11.86
C GLY A 105 -2.64 14.46 -13.02
N SER A 106 -3.38 14.04 -14.05
CA SER A 106 -3.57 14.86 -15.25
C SER A 106 -4.13 16.24 -14.96
N GLU A 107 -4.84 16.41 -13.86
CA GLU A 107 -5.41 17.71 -13.55
C GLU A 107 -4.33 18.79 -13.49
N PHE A 108 -3.15 18.44 -13.00
CA PHE A 108 -2.09 19.43 -12.83
C PHE A 108 -0.73 19.02 -13.41
N GLN A 109 -0.56 17.75 -13.79
CA GLN A 109 0.75 17.25 -14.20
C GLN A 109 1.14 17.56 -15.63
N LEU A 110 0.24 18.17 -16.40
CA LEU A 110 0.57 18.64 -17.75
C LEU A 110 0.62 20.16 -17.89
N ASP A 111 0.54 20.87 -16.77
CA ASP A 111 0.72 22.32 -16.76
C ASP A 111 2.11 22.71 -17.26
N LYS A 112 2.19 23.77 -18.04
CA LYS A 112 3.46 24.30 -18.50
C LYS A 112 4.57 24.28 -17.46
N ASP A 113 4.29 24.81 -16.29
CA ASP A 113 5.31 24.91 -15.25
C ASP A 113 5.64 23.57 -14.67
N TYR A 114 4.66 22.71 -14.57
CA TYR A 114 4.90 21.38 -14.08
C TYR A 114 5.84 20.65 -15.02
N THR A 115 5.63 20.74 -16.32
CA THR A 115 6.48 19.92 -17.16
C THR A 115 7.85 20.58 -17.22
N LEU A 116 7.86 21.90 -17.15
CA LEU A 116 9.11 22.62 -17.16
C LEU A 116 9.98 22.20 -15.97
N ASN A 117 9.35 21.97 -14.82
CA ASN A 117 10.10 21.45 -13.68
C ASN A 117 10.52 19.99 -13.85
N VAL A 118 9.63 19.19 -14.46
CA VAL A 118 9.99 17.84 -14.84
C VAL A 118 11.24 17.80 -15.72
N TYR A 119 11.36 18.75 -16.63
CA TYR A 119 12.53 18.83 -17.52
C TYR A 119 13.76 19.37 -16.80
N ARG A 120 13.55 20.29 -15.86
CA ARG A 120 14.57 20.71 -14.92
C ARG A 120 15.12 19.50 -14.14
N LEU A 121 14.22 18.66 -13.63
CA LEU A 121 14.64 17.49 -12.87
C LEU A 121 15.36 16.48 -13.76
N ALA A 122 14.92 16.36 -15.01
CA ALA A 122 15.54 15.44 -15.98
C ALA A 122 17.00 15.75 -16.22
N LEU A 123 17.38 17.02 -16.01
CA LEU A 123 18.77 17.49 -16.11
C LEU A 123 19.63 17.01 -14.93
N LYS A 124 19.00 16.88 -13.76
CA LYS A 124 19.68 16.49 -12.55
C LYS A 124 19.52 15.00 -12.22
N THR A 125 18.83 14.24 -13.08
CA THR A 125 18.53 12.85 -12.81
C THR A 125 19.15 12.00 -13.90
N THR A 126 20.04 11.10 -13.50
CA THR A 126 20.72 10.26 -14.45
C THR A 126 19.77 9.17 -14.90
N LEU A 127 19.98 8.72 -16.14
CA LEU A 127 19.26 7.60 -16.68
C LEU A 127 19.46 6.35 -15.85
N LYS A 128 20.69 6.09 -15.44
CA LYS A 128 21.00 4.84 -14.73
C LYS A 128 20.15 4.83 -13.47
N ARG A 129 20.14 5.97 -12.81
CA ARG A 129 19.46 6.08 -11.56
C ARG A 129 17.97 6.03 -11.70
N ALA A 130 17.44 6.68 -12.73
CA ALA A 130 16.00 6.68 -13.00
C ALA A 130 15.50 5.29 -13.30
N ARG A 131 16.31 4.54 -14.05
CA ARG A 131 16.02 3.16 -14.34
C ARG A 131 16.03 2.34 -13.07
N ARG A 132 17.05 2.57 -12.26
CA ARG A 132 17.17 1.87 -11.01
C ARG A 132 15.97 2.11 -10.09
N SER A 133 15.40 3.30 -10.13
CA SER A 133 14.24 3.59 -9.28
C SER A 133 12.94 2.92 -9.74
N MET A 134 12.97 2.28 -10.89
CA MET A 134 11.77 1.77 -11.51
C MET A 134 11.78 0.27 -11.62
N GLU A 135 12.77 -0.36 -11.03
CA GLU A 135 12.90 -1.80 -11.12
C GLU A 135 11.62 -2.48 -10.61
N LEU A 136 11.10 -2.00 -9.48
CA LEU A 136 9.95 -2.63 -8.81
C LEU A 136 8.61 -2.13 -9.28
N ILE A 137 8.60 -1.23 -10.25
CA ILE A 137 7.38 -0.53 -10.68
C ILE A 137 7.13 -0.67 -12.18
N ALA A 138 8.21 -0.64 -12.95
CA ALA A 138 8.13 -0.66 -14.39
C ALA A 138 7.44 -1.94 -14.82
N ARG A 139 6.51 -1.78 -15.74
CA ARG A 139 5.88 -2.87 -16.43
C ARG A 139 6.95 -3.57 -17.23
N GLU A 140 7.07 -4.89 -17.08
CA GLU A 140 8.06 -5.64 -17.88
C GLU A 140 7.97 -5.40 -19.39
N ASP A 141 9.14 -5.16 -19.97
CA ASP A 141 9.28 -4.75 -21.35
C ASP A 141 10.70 -5.15 -21.74
N GLU A 142 10.80 -6.02 -22.74
CA GLU A 142 12.09 -6.50 -23.19
C GLU A 142 12.82 -5.39 -23.88
N ASN A 143 12.08 -4.38 -24.32
CA ASN A 143 12.67 -3.21 -24.95
C ASN A 143 12.20 -1.94 -24.22
N PRO A 144 12.79 -1.67 -23.05
CA PRO A 144 12.34 -0.60 -22.16
C PRO A 144 12.21 0.77 -22.87
N LYS A 145 11.15 1.50 -22.52
CA LYS A 145 10.71 2.71 -23.24
C LYS A 145 11.16 3.97 -22.52
N VAL A 146 11.22 5.08 -23.24
CA VAL A 146 11.59 6.35 -22.65
C VAL A 146 10.64 6.71 -21.52
N ALA A 147 9.36 6.40 -21.73
CA ALA A 147 8.33 6.59 -20.70
C ALA A 147 8.76 6.08 -19.33
N GLU A 148 9.57 5.03 -19.31
CA GLU A 148 9.98 4.43 -18.05
C GLU A 148 10.77 5.43 -17.20
N VAL A 149 11.61 6.27 -17.83
CA VAL A 149 12.48 7.20 -17.09
C VAL A 149 11.84 8.55 -16.86
N ILE A 150 10.74 8.83 -17.56
CA ILE A 150 9.99 10.05 -17.34
C ILE A 150 9.14 9.91 -16.09
N TYR A 151 8.57 8.73 -15.96
CA TYR A 151 7.70 8.35 -14.86
C TYR A 151 8.30 8.78 -13.51
N PRO A 152 9.51 8.33 -13.20
CA PRO A 152 9.98 8.69 -11.88
C PRO A 152 10.13 10.19 -11.66
N ILE A 153 10.63 10.93 -12.64
CA ILE A 153 10.83 12.35 -12.40
C ILE A 153 9.51 13.10 -12.32
N MET A 154 8.47 12.57 -12.97
CA MET A 154 7.15 13.15 -12.80
C MET A 154 6.62 12.88 -11.43
N GLN A 155 6.84 11.65 -10.94
CA GLN A 155 6.48 11.32 -9.58
C GLN A 155 7.12 12.31 -8.60
N VAL A 156 8.42 12.49 -8.73
CA VAL A 156 9.19 13.37 -7.86
C VAL A 156 8.65 14.80 -7.85
N ASN A 157 8.31 15.32 -9.02
CA ASN A 157 7.74 16.66 -9.08
C ASN A 157 6.36 16.76 -8.42
N GLY A 158 5.69 15.64 -8.21
CA GLY A 158 4.35 15.66 -7.60
C GLY A 158 4.32 15.46 -6.10
N CYS A 159 5.46 15.15 -5.51
CA CYS A 159 5.53 14.83 -4.09
C CYS A 159 5.22 16.01 -3.23
N HIS A 160 5.54 17.21 -3.71
CA HIS A 160 5.29 18.43 -2.96
C HIS A 160 3.90 19.01 -3.23
N TYR A 161 2.98 18.20 -3.75
CA TYR A 161 1.72 18.72 -4.26
C TYR A 161 0.85 19.32 -3.15
N ARG A 162 0.35 20.53 -3.39
CA ARG A 162 -0.38 21.30 -2.37
C ARG A 162 0.41 21.45 -1.07
N GLY A 163 1.74 21.53 -1.17
CA GLY A 163 2.62 21.66 -0.02
C GLY A 163 2.33 20.66 1.08
N VAL A 164 2.11 19.42 0.70
CA VAL A 164 1.84 18.40 1.69
C VAL A 164 3.04 18.23 2.60
N ASP A 165 2.76 17.85 3.84
CA ASP A 165 3.77 17.69 4.89
C ASP A 165 4.41 16.30 4.82
N VAL A 166 3.62 15.34 4.36
CA VAL A 166 3.96 13.93 4.45
C VAL A 166 3.56 13.26 3.17
N ALA A 167 4.39 12.33 2.72
CA ALA A 167 4.06 11.49 1.62
C ALA A 167 4.21 10.05 2.04
N VAL A 168 3.25 9.25 1.57
CA VAL A 168 3.14 7.84 1.93
C VAL A 168 3.23 6.95 0.69
N GLY A 169 3.83 5.79 0.86
CA GLY A 169 4.00 4.83 -0.23
C GLY A 169 4.55 3.53 0.27
N GLY A 170 4.47 2.51 -0.58
CA GLY A 170 5.07 1.22 -0.32
C GLY A 170 6.56 1.35 -0.44
N MET A 171 7.28 0.38 0.11
CA MET A 171 8.71 0.36 0.06
C MET A 171 9.27 0.27 -1.38
N GLU A 172 8.47 -0.24 -2.30
CA GLU A 172 8.89 -0.30 -3.68
C GLU A 172 9.02 1.10 -4.26
N GLN A 173 8.37 2.07 -3.62
CA GLN A 173 8.47 3.45 -4.09
C GLN A 173 9.72 4.15 -3.58
N ARG A 174 10.54 3.49 -2.77
CA ARG A 174 11.51 4.25 -2.02
C ARG A 174 12.69 4.79 -2.81
N LYS A 175 13.09 4.13 -3.89
CA LYS A 175 14.20 4.65 -4.66
C LYS A 175 13.76 5.98 -5.26
N ILE A 176 12.54 6.04 -5.78
CA ILE A 176 11.99 7.28 -6.32
C ILE A 176 11.84 8.33 -5.21
N HIS A 177 11.49 7.89 -4.01
CA HIS A 177 11.35 8.87 -2.92
C HIS A 177 12.70 9.45 -2.57
N MET A 178 13.73 8.63 -2.66
CA MET A 178 15.10 9.07 -2.40
C MET A 178 15.54 10.11 -3.40
N LEU A 179 15.19 9.90 -4.68
CA LEU A 179 15.47 10.89 -5.70
C LEU A 179 14.86 12.20 -5.36
N ALA A 180 13.62 12.14 -4.89
CA ALA A 180 12.88 13.33 -4.52
C ALA A 180 13.54 14.02 -3.35
N ARG A 181 13.83 13.25 -2.30
CA ARG A 181 14.48 13.79 -1.12
C ARG A 181 15.65 14.63 -1.57
N GLU A 182 16.48 14.05 -2.42
CA GLU A 182 17.72 14.71 -2.88
C GLU A 182 17.49 15.91 -3.76
N LEU A 183 16.62 15.75 -4.76
CA LEU A 183 16.50 16.72 -5.81
C LEU A 183 15.71 17.93 -5.40
N LEU A 184 14.64 17.70 -4.66
CA LEU A 184 13.70 18.75 -4.30
C LEU A 184 14.25 19.64 -3.21
N PRO A 185 13.80 20.90 -3.17
CA PRO A 185 14.35 21.86 -2.20
C PRO A 185 13.86 21.59 -0.77
N LYS A 186 12.55 21.50 -0.59
CA LYS A 186 11.96 21.29 0.73
C LYS A 186 11.71 19.81 0.89
N LYS A 187 12.02 19.29 2.08
CA LYS A 187 11.86 17.87 2.39
C LYS A 187 10.42 17.62 2.83
N VAL A 188 9.83 16.50 2.40
CA VAL A 188 8.62 16.04 3.06
C VAL A 188 8.89 14.69 3.69
N VAL A 189 8.22 14.43 4.80
CA VAL A 189 8.34 13.13 5.44
C VAL A 189 7.85 12.02 4.51
N CYS A 190 8.72 11.06 4.20
CA CYS A 190 8.30 9.83 3.55
C CYS A 190 7.90 8.85 4.62
N ILE A 191 6.70 8.34 4.51
CA ILE A 191 6.30 7.21 5.32
C ILE A 191 6.18 6.05 4.38
N HIS A 192 6.93 4.99 4.67
CA HIS A 192 6.89 3.81 3.83
C HIS A 192 6.22 2.62 4.48
N ASN A 193 5.38 1.98 3.71
CA ASN A 193 4.58 0.85 4.11
C ASN A 193 5.23 -0.35 3.49
N PRO A 194 5.14 -1.52 4.14
CA PRO A 194 5.69 -2.75 3.62
C PRO A 194 4.89 -3.29 2.45
N VAL A 195 5.56 -4.08 1.62
CA VAL A 195 4.92 -4.69 0.48
C VAL A 195 4.55 -6.11 0.88
N LEU A 196 3.26 -6.41 0.77
CA LEU A 196 2.75 -7.72 1.06
C LEU A 196 3.33 -8.72 0.11
N THR A 197 3.41 -9.97 0.56
CA THR A 197 3.90 -11.08 -0.27
C THR A 197 2.71 -11.74 -0.97
N GLY A 198 2.93 -12.17 -2.21
CA GLY A 198 1.92 -12.88 -2.98
C GLY A 198 1.45 -14.11 -2.24
N LEU A 199 0.23 -14.53 -2.54
CA LEU A 199 -0.40 -15.70 -1.91
C LEU A 199 0.36 -17.00 -2.15
N ASP A 200 0.98 -17.13 -3.33
CA ASP A 200 1.90 -18.24 -3.61
C ASP A 200 3.30 -18.04 -3.02
N GLY A 201 3.51 -16.91 -2.35
CA GLY A 201 4.76 -16.62 -1.65
C GLY A 201 5.95 -16.35 -2.56
N GLU A 202 5.71 -16.24 -3.86
CA GLU A 202 6.81 -16.27 -4.83
C GLU A 202 7.32 -14.90 -5.21
N GLY A 203 6.43 -13.91 -5.25
CA GLY A 203 6.85 -12.54 -5.45
C GLY A 203 6.12 -11.69 -4.44
N LYS A 204 5.87 -10.44 -4.80
CA LYS A 204 5.03 -9.59 -3.98
C LYS A 204 3.68 -9.30 -4.63
N MET A 205 2.68 -9.10 -3.80
CA MET A 205 1.32 -8.98 -4.26
C MET A 205 1.15 -7.91 -5.35
N SER A 206 0.62 -8.30 -6.51
CA SER A 206 0.30 -7.29 -7.53
C SER A 206 -0.91 -7.65 -8.38
N SER A 207 -1.53 -6.60 -8.94
CA SER A 207 -2.74 -6.75 -9.75
C SER A 207 -2.46 -7.52 -11.02
N SER A 208 -1.30 -7.27 -11.61
CA SER A 208 -0.93 -7.92 -12.86
C SER A 208 -0.43 -9.37 -12.62
N LYS A 209 -0.08 -9.69 -11.37
CA LYS A 209 0.42 -11.02 -10.99
C LYS A 209 -0.67 -11.98 -10.54
N GLY A 210 -1.86 -11.47 -10.22
CA GLY A 210 -2.98 -12.34 -9.82
C GLY A 210 -2.64 -13.24 -8.65
N ASN A 211 -2.00 -12.66 -7.63
CA ASN A 211 -1.56 -13.38 -6.44
C ASN A 211 -2.14 -12.70 -5.21
N PHE A 212 -3.32 -12.12 -5.38
CA PHE A 212 -3.85 -11.21 -4.36
C PHE A 212 -5.24 -11.58 -3.92
N ILE A 213 -5.60 -11.06 -2.75
CA ILE A 213 -6.94 -11.03 -2.28
C ILE A 213 -7.45 -9.62 -2.52
N ALA A 214 -8.47 -9.52 -3.37
CA ALA A 214 -9.17 -8.27 -3.61
C ALA A 214 -10.13 -8.01 -2.46
N VAL A 215 -10.32 -6.74 -2.13
CA VAL A 215 -11.14 -6.35 -0.97
C VAL A 215 -12.63 -6.68 -1.11
N ASP A 216 -13.08 -6.87 -2.34
CA ASP A 216 -14.46 -7.26 -2.64
C ASP A 216 -14.54 -8.70 -3.16
N ASP A 217 -13.52 -9.52 -2.91
CA ASP A 217 -13.60 -10.95 -3.23
C ASP A 217 -14.72 -11.57 -2.40
N SER A 218 -15.39 -12.56 -2.98
CA SER A 218 -16.42 -13.28 -2.27
C SER A 218 -15.77 -14.03 -1.12
N PRO A 219 -16.51 -14.24 -0.04
CA PRO A 219 -16.03 -15.16 0.98
C PRO A 219 -15.58 -16.51 0.45
N GLU A 220 -16.33 -17.16 -0.46
CA GLU A 220 -15.86 -18.45 -1.00
C GLU A 220 -14.50 -18.25 -1.66
N GLU A 221 -14.36 -17.11 -2.34
CA GLU A 221 -13.13 -16.79 -3.05
C GLU A 221 -11.99 -16.55 -2.07
N ILE A 222 -12.29 -15.90 -0.95
CA ILE A 222 -11.26 -15.61 0.03
C ILE A 222 -10.76 -16.90 0.68
N ARG A 223 -11.66 -17.80 1.03
CA ARG A 223 -11.33 -19.07 1.66
C ARG A 223 -10.46 -19.93 0.75
N ALA A 224 -10.74 -19.90 -0.56
CA ALA A 224 -10.02 -20.72 -1.52
C ALA A 224 -8.61 -20.18 -1.78
N LYS A 225 -8.50 -18.86 -1.88
CA LYS A 225 -7.19 -18.26 -2.10
C LYS A 225 -6.28 -18.59 -0.92
N ILE A 226 -6.85 -18.52 0.27
CA ILE A 226 -6.13 -18.75 1.49
C ILE A 226 -5.84 -20.23 1.65
N LYS A 227 -6.81 -21.09 1.41
CA LYS A 227 -6.53 -22.53 1.37
C LYS A 227 -5.31 -22.81 0.46
N LYS A 228 -5.34 -22.29 -0.76
CA LYS A 228 -4.26 -22.47 -1.74
C LYS A 228 -2.94 -21.85 -1.31
N ALA A 229 -3.00 -20.93 -0.35
CA ALA A 229 -1.89 -20.03 -0.08
C ALA A 229 -0.70 -20.70 0.60
N TYR A 230 0.47 -20.26 0.19
CA TYR A 230 1.74 -20.62 0.82
C TYR A 230 1.77 -20.21 2.28
N CYS A 231 2.02 -21.16 3.16
CA CYS A 231 2.01 -20.90 4.61
C CYS A 231 2.70 -22.05 5.32
N PRO A 232 4.05 -22.08 5.27
CA PRO A 232 4.78 -23.24 5.76
C PRO A 232 4.86 -23.21 7.28
N ALA A 233 4.60 -24.35 7.92
CA ALA A 233 4.64 -24.42 9.37
C ALA A 233 5.99 -23.90 9.87
N GLY A 234 5.94 -23.06 10.90
CA GLY A 234 7.15 -22.52 11.53
C GLY A 234 7.79 -21.37 10.79
N VAL A 235 7.42 -21.16 9.53
CA VAL A 235 8.01 -20.08 8.75
C VAL A 235 7.10 -18.85 8.71
N VAL A 236 7.64 -17.71 9.13
CA VAL A 236 6.89 -16.46 9.14
C VAL A 236 7.37 -15.54 8.05
N GLU A 237 8.67 -15.44 7.89
CA GLU A 237 9.25 -14.64 6.83
C GLU A 237 8.72 -15.15 5.51
N GLY A 238 8.11 -14.26 4.74
CA GLY A 238 7.58 -14.58 3.42
C GLY A 238 6.27 -15.33 3.43
N ASN A 239 5.62 -15.38 4.60
CA ASN A 239 4.35 -16.06 4.79
C ASN A 239 3.24 -15.03 4.71
N PRO A 240 2.49 -15.06 3.61
CA PRO A 240 1.47 -14.03 3.37
C PRO A 240 0.32 -14.08 4.36
N ILE A 241 0.11 -15.23 4.98
CA ILE A 241 -1.02 -15.40 5.87
C ILE A 241 -0.65 -14.78 7.18
N MET A 242 0.57 -15.02 7.62
CA MET A 242 1.11 -14.33 8.80
C MET A 242 1.03 -12.83 8.58
N GLU A 243 1.53 -12.40 7.43
CA GLU A 243 1.45 -11.01 7.04
C GLU A 243 0.06 -10.46 7.27
N ILE A 244 -0.95 -11.15 6.73
CA ILE A 244 -2.33 -10.70 6.89
C ILE A 244 -2.71 -10.64 8.36
N ALA A 245 -2.26 -11.63 9.12
CA ALA A 245 -2.54 -11.65 10.54
C ALA A 245 -1.93 -10.44 11.21
N LYS A 246 -0.68 -10.17 10.90
CA LYS A 246 0.02 -9.01 11.43
C LYS A 246 -0.66 -7.72 11.09
N TYR A 247 -1.02 -7.54 9.83
CA TYR A 247 -1.38 -6.23 9.35
C TYR A 247 -2.88 -5.90 9.34
N PHE A 248 -3.77 -6.88 9.47
CA PHE A 248 -5.20 -6.61 9.26
C PHE A 248 -6.13 -6.94 10.39
N LEU A 249 -5.76 -7.92 11.21
CA LEU A 249 -6.71 -8.49 12.18
C LEU A 249 -6.61 -7.76 13.49
N GLU A 250 -7.71 -7.80 14.25
CA GLU A 250 -7.77 -7.26 15.58
C GLU A 250 -7.21 -8.28 16.57
N TYR A 251 -6.62 -7.79 17.67
CA TYR A 251 -6.25 -8.62 18.81
C TYR A 251 -6.92 -8.09 20.09
N PRO A 252 -7.17 -8.97 21.07
CA PRO A 252 -6.98 -10.41 21.00
C PRO A 252 -7.78 -11.12 19.90
N LEU A 253 -7.16 -12.14 19.33
CA LEU A 253 -7.76 -12.98 18.30
C LEU A 253 -8.05 -14.37 18.89
N THR A 254 -9.17 -14.95 18.49
CA THR A 254 -9.63 -16.18 19.10
C THR A 254 -9.66 -17.30 18.06
N ILE A 255 -8.49 -17.86 17.77
CA ILE A 255 -8.36 -18.94 16.80
C ILE A 255 -9.15 -20.18 17.23
N LYS A 256 -10.37 -20.30 16.72
CA LYS A 256 -11.19 -21.49 16.92
C LYS A 256 -10.52 -22.67 16.25
N ARG A 257 -10.53 -23.81 16.92
CA ARG A 257 -10.07 -25.06 16.31
C ARG A 257 -10.49 -26.25 17.16
N PRO A 258 -10.68 -27.43 16.53
CA PRO A 258 -11.22 -28.58 17.26
C PRO A 258 -10.49 -28.90 18.56
N GLU A 259 -11.25 -29.35 19.56
CA GLU A 259 -10.67 -29.74 20.83
C GLU A 259 -9.65 -30.85 20.60
N LYS A 260 -9.99 -31.76 19.69
CA LYS A 260 -9.08 -32.79 19.14
C LYS A 260 -7.60 -32.36 19.05
N PHE A 261 -7.31 -31.13 18.64
CA PHE A 261 -5.95 -30.60 18.77
C PHE A 261 -5.91 -29.18 19.35
N GLY A 262 -6.12 -29.08 20.65
CA GLY A 262 -5.90 -27.85 21.38
C GLY A 262 -7.16 -27.13 21.77
N GLY A 263 -8.15 -27.10 20.88
CA GLY A 263 -9.34 -26.30 21.13
C GLY A 263 -9.10 -24.83 20.86
N ASP A 264 -10.13 -24.02 21.09
CA ASP A 264 -10.03 -22.57 20.85
C ASP A 264 -8.88 -21.97 21.62
N LEU A 265 -8.08 -21.21 20.91
CA LEU A 265 -6.87 -20.61 21.45
C LEU A 265 -6.97 -19.11 21.26
N THR A 266 -6.69 -18.38 22.33
CA THR A 266 -6.84 -16.93 22.36
C THR A 266 -5.48 -16.25 22.48
N VAL A 267 -5.15 -15.41 21.49
CA VAL A 267 -3.86 -14.74 21.40
C VAL A 267 -4.02 -13.23 21.52
N ASN A 268 -3.07 -12.57 22.17
CA ASN A 268 -3.23 -11.18 22.59
C ASN A 268 -2.46 -10.20 21.75
N SER A 269 -1.65 -10.72 20.84
CA SER A 269 -0.92 -9.88 19.91
C SER A 269 -0.45 -10.74 18.77
N TYR A 270 0.03 -10.09 17.72
CA TYR A 270 0.64 -10.76 16.60
C TYR A 270 1.97 -11.39 17.05
N GLU A 271 2.59 -10.80 18.05
CA GLU A 271 3.89 -11.29 18.51
C GLU A 271 3.68 -12.65 19.19
N GLU A 272 2.60 -12.77 19.95
CA GLU A 272 2.27 -14.06 20.55
C GLU A 272 2.02 -15.07 19.44
N LEU A 273 1.21 -14.70 18.46
CA LEU A 273 0.97 -15.53 17.28
C LEU A 273 2.25 -16.00 16.59
N GLU A 274 3.22 -15.09 16.44
CA GLU A 274 4.52 -15.42 15.82
C GLU A 274 5.19 -16.65 16.46
N SER A 275 5.49 -16.58 17.74
CA SER A 275 6.22 -17.68 18.37
C SER A 275 5.39 -18.99 18.36
N LEU A 276 4.08 -18.88 18.62
CA LEU A 276 3.20 -20.05 18.51
C LEU A 276 3.34 -20.70 17.15
N PHE A 277 3.38 -19.89 16.11
CA PHE A 277 3.56 -20.42 14.77
C PHE A 277 4.97 -20.93 14.54
N LYS A 278 5.97 -20.17 15.00
CA LYS A 278 7.38 -20.58 14.92
C LYS A 278 7.63 -21.94 15.56
N ASN A 279 7.06 -22.14 16.74
CA ASN A 279 7.17 -23.43 17.44
C ASN A 279 6.60 -24.61 16.66
N LYS A 280 5.79 -24.32 15.65
CA LYS A 280 4.91 -25.32 15.07
C LYS A 280 3.87 -25.71 16.13
N GLU A 281 3.41 -24.73 16.90
CA GLU A 281 2.37 -24.95 17.91
C GLU A 281 0.97 -24.58 17.40
N LEU A 282 0.93 -23.70 16.40
CA LEU A 282 -0.28 -23.44 15.62
C LEU A 282 -0.07 -23.96 14.20
N HIS A 283 -1.01 -24.76 13.73
CA HIS A 283 -0.90 -25.36 12.41
C HIS A 283 -1.46 -24.40 11.34
N PRO A 284 -0.76 -24.27 10.20
CA PRO A 284 -1.23 -23.47 9.05
C PRO A 284 -2.73 -23.58 8.73
N MET A 285 -3.28 -24.79 8.82
CA MET A 285 -4.69 -25.03 8.60
C MET A 285 -5.50 -24.19 9.59
N ASP A 286 -5.24 -24.37 10.88
CA ASP A 286 -5.95 -23.61 11.91
C ASP A 286 -5.75 -22.11 11.77
N LEU A 287 -4.53 -21.72 11.40
CA LEU A 287 -4.15 -20.32 11.19
C LEU A 287 -4.95 -19.75 10.03
N LYS A 288 -5.01 -20.52 8.96
CA LYS A 288 -5.70 -20.12 7.75
C LYS A 288 -7.18 -19.96 8.00
N ASN A 289 -7.76 -20.87 8.75
CA ASN A 289 -9.20 -20.82 9.01
C ASN A 289 -9.52 -19.53 9.77
N ALA A 290 -8.73 -19.23 10.79
CA ALA A 290 -8.94 -18.03 11.59
C ALA A 290 -8.73 -16.78 10.74
N VAL A 291 -7.70 -16.80 9.91
CA VAL A 291 -7.39 -15.65 9.08
C VAL A 291 -8.51 -15.39 8.08
N ALA A 292 -8.86 -16.42 7.34
CA ALA A 292 -9.94 -16.33 6.37
C ALA A 292 -11.22 -15.79 6.97
N GLU A 293 -11.63 -16.30 8.13
CA GLU A 293 -12.90 -15.88 8.72
C GLU A 293 -12.87 -14.45 9.22
N GLU A 294 -11.74 -14.06 9.80
CA GLU A 294 -11.58 -12.70 10.28
C GLU A 294 -11.48 -11.72 9.13
N LEU A 295 -10.73 -12.07 8.09
CA LEU A 295 -10.68 -11.23 6.86
C LEU A 295 -12.04 -11.01 6.24
N ILE A 296 -12.79 -12.09 6.11
CA ILE A 296 -14.12 -12.00 5.56
C ILE A 296 -14.93 -10.98 6.38
N LYS A 297 -14.80 -11.03 7.71
CA LYS A 297 -15.54 -10.10 8.57
C LYS A 297 -15.02 -8.68 8.39
N ILE A 298 -13.70 -8.53 8.44
CA ILE A 298 -13.04 -7.25 8.15
C ILE A 298 -13.51 -6.67 6.80
N LEU A 299 -13.38 -7.46 5.74
CA LEU A 299 -13.71 -6.98 4.41
C LEU A 299 -15.21 -6.87 4.12
N GLU A 300 -16.04 -7.45 4.96
CA GLU A 300 -17.48 -7.48 4.65
C GLU A 300 -18.14 -6.10 4.41
N PRO A 301 -17.95 -5.13 5.33
CA PRO A 301 -18.50 -3.76 5.14
C PRO A 301 -18.13 -3.11 3.81
N ILE A 302 -16.91 -3.35 3.36
CA ILE A 302 -16.40 -2.76 2.15
C ILE A 302 -17.07 -3.42 0.96
N ARG A 303 -17.00 -4.76 0.91
CA ARG A 303 -17.76 -5.59 -0.02
C ARG A 303 -19.23 -5.12 -0.09
N LYS A 304 -19.84 -4.99 1.09
CA LYS A 304 -21.25 -4.61 1.20
C LYS A 304 -21.47 -3.25 0.55
N ARG A 305 -20.69 -2.25 0.98
CA ARG A 305 -20.81 -0.89 0.44
C ARG A 305 -20.73 -0.82 -1.07
N LEU A 306 -19.97 -1.72 -1.69
CA LEU A 306 -19.76 -1.66 -3.13
C LEU A 306 -20.97 -2.12 -3.95
N LEU A 307 -22.06 -2.52 -3.31
CA LEU A 307 -23.36 -2.65 -4.00
C LEU A 307 -24.45 -1.80 -3.36
#